data_8BL9
#
_entry.id   8BL9
#
_cell.length_a   40.554
_cell.length_b   40.554
_cell.length_c   253.117
_cell.angle_alpha   90.000
_cell.angle_beta   90.000
_cell.angle_gamma   120.000
#
_symmetry.space_group_name_H-M   'P 65 2 2'
#
loop_
_entity.id
_entity.type
_entity.pdbx_description
1 polymer Sam0.7
2 water water
#
_entity_poly.entity_id   1
_entity_poly.type   'polypeptide(L)'
_entity_poly.pdbx_seq_one_letter_code
;MGSSHHHHHHSSGLVPRGSMLPTAEEVQKLMARYIELMDVGDIEAIVQMYADDATVEAPFGAPPIHGRERIAYFYRRMLG
GGIARATLTGPVRASHNGTGAMPFRVEYVFNGQPFAMDVRVEMRFDEHGRIQTMQAYWDWVNLSVREP
;
_entity_poly.pdbx_strand_id   A
#
# COMPACT_ATOMS: atom_id res chain seq x y z
N MET A 20 9.19 -6.73 19.09
CA MET A 20 8.44 -5.48 18.95
C MET A 20 7.99 -5.30 17.49
N LEU A 21 8.72 -5.75 16.46
CA LEU A 21 8.25 -5.57 15.06
C LEU A 21 7.20 -6.63 14.70
N PRO A 22 6.27 -6.32 13.79
CA PRO A 22 5.33 -7.33 13.32
C PRO A 22 6.06 -8.57 12.74
N THR A 23 5.56 -9.75 13.06
CA THR A 23 6.08 -11.04 12.52
C THR A 23 5.75 -11.13 11.03
N ALA A 24 6.41 -12.02 10.27
CA ALA A 24 6.08 -12.36 8.88
C ALA A 24 4.57 -12.61 8.77
N GLU A 25 3.97 -13.29 9.74
CA GLU A 25 2.51 -13.59 9.69
C GLU A 25 1.66 -12.33 9.79
N GLU A 26 1.95 -11.45 10.76
CA GLU A 26 1.28 -10.13 10.95
C GLU A 26 1.46 -9.31 9.67
N VAL A 27 2.65 -9.30 9.09
CA VAL A 27 2.88 -8.56 7.82
C VAL A 27 1.94 -9.11 6.74
N GLN A 28 1.85 -10.43 6.62
CA GLN A 28 0.97 -11.08 5.60
C GLN A 28 -0.46 -10.58 5.79
N LYS A 29 -0.98 -10.50 7.03
CA LYS A 29 -2.38 -10.03 7.33
C LYS A 29 -2.52 -8.53 7.02
N LEU A 30 -1.50 -7.71 7.37
CA LEU A 30 -1.51 -6.25 7.12
C LEU A 30 -1.56 -5.98 5.62
N MET A 31 -0.73 -6.65 4.83
CA MET A 31 -0.66 -6.40 3.40
C MET A 31 -1.92 -6.96 2.73
N ALA A 32 -2.42 -8.11 3.17
CA ALA A 32 -3.73 -8.64 2.68
C ALA A 32 -4.84 -7.61 2.94
N ARG A 33 -4.89 -6.98 4.13
CA ARG A 33 -5.89 -5.93 4.51
C ARG A 33 -5.76 -4.72 3.56
N TYR A 34 -4.55 -4.31 3.25
CA TYR A 34 -4.29 -3.21 2.28
C TYR A 34 -5.04 -3.43 0.96
N ILE A 35 -4.86 -4.62 0.37
CA ILE A 35 -5.47 -4.99 -0.94
C ILE A 35 -6.99 -4.98 -0.78
N GLU A 36 -7.47 -5.60 0.30
CA GLU A 36 -8.91 -5.65 0.65
C GLU A 36 -9.46 -4.22 0.58
N LEU A 37 -8.80 -3.23 1.16
CA LEU A 37 -9.34 -1.84 1.24
C LEU A 37 -9.15 -1.11 -0.10
N MET A 38 -8.08 -1.41 -0.83
CA MET A 38 -7.85 -0.80 -2.15
C MET A 38 -9.00 -1.23 -3.04
N ASP A 39 -9.36 -2.52 -2.96
CA ASP A 39 -10.35 -3.14 -3.90
C ASP A 39 -11.75 -2.55 -3.69
N VAL A 40 -12.06 -2.16 -2.45
CA VAL A 40 -13.40 -1.55 -2.15
C VAL A 40 -13.31 -0.01 -2.12
N GLY A 41 -12.15 0.60 -2.35
CA GLY A 41 -11.97 2.07 -2.41
C GLY A 41 -12.05 2.75 -1.04
N ASP A 42 -11.69 2.02 0.02
CA ASP A 42 -11.74 2.46 1.45
C ASP A 42 -10.60 3.46 1.77
N ILE A 43 -10.69 4.72 1.34
CA ILE A 43 -9.56 5.70 1.44
C ILE A 43 -9.19 5.86 2.91
N GLU A 44 -10.14 6.27 3.75
CA GLU A 44 -9.88 6.59 5.18
C GLU A 44 -9.21 5.41 5.89
N ALA A 45 -9.68 4.18 5.69
CA ALA A 45 -9.09 2.98 6.34
C ALA A 45 -7.67 2.72 5.82
N ILE A 46 -7.37 3.02 4.55
CA ILE A 46 -5.97 2.87 4.05
C ILE A 46 -5.03 3.88 4.75
N VAL A 47 -5.43 5.13 4.79
CA VAL A 47 -4.63 6.24 5.41
C VAL A 47 -4.40 5.85 6.87
N GLN A 48 -5.38 5.22 7.54
CA GLN A 48 -5.29 4.73 8.95
C GLN A 48 -4.10 3.76 9.10
N MET A 49 -3.78 3.00 8.06
CA MET A 49 -2.69 1.97 8.11
C MET A 49 -1.30 2.65 8.18
N TYR A 50 -1.15 3.92 7.79
CA TYR A 50 0.10 4.72 7.82
C TYR A 50 0.40 5.35 9.19
N ALA A 51 1.69 5.33 9.51
CA ALA A 51 2.30 6.10 10.61
C ALA A 51 2.22 7.58 10.24
N ASP A 52 2.17 8.45 11.26
CA ASP A 52 1.94 9.92 11.14
C ASP A 52 2.84 10.54 10.07
N ASP A 53 4.12 10.16 10.10
CA ASP A 53 5.23 10.74 9.31
C ASP A 53 5.76 9.70 8.30
N ALA A 54 4.87 8.90 7.72
CA ALA A 54 5.24 7.90 6.72
C ALA A 54 5.62 8.59 5.41
N THR A 55 6.27 7.83 4.52
CA THR A 55 6.69 8.24 3.17
C THR A 55 6.16 7.23 2.17
N VAL A 56 5.58 7.73 1.09
CA VAL A 56 5.05 6.93 -0.04
C VAL A 56 5.79 7.37 -1.28
N GLU A 57 6.44 6.41 -1.93
CA GLU A 57 7.10 6.59 -3.22
C GLU A 57 6.40 5.76 -4.29
N ALA A 58 5.43 6.35 -4.95
CA ALA A 58 4.47 5.66 -5.82
C ALA A 58 4.06 6.65 -6.90
N PRO A 59 4.48 6.46 -8.16
CA PRO A 59 5.36 5.36 -8.55
C PRO A 59 6.77 5.62 -8.04
N PHE A 60 7.54 4.54 -7.76
CA PHE A 60 8.96 4.64 -7.32
C PHE A 60 9.81 5.40 -8.36
N GLY A 61 10.41 6.50 -7.94
CA GLY A 61 11.09 7.41 -8.87
C GLY A 61 10.43 8.75 -8.93
N ALA A 62 9.12 8.87 -8.71
CA ALA A 62 8.41 10.17 -8.73
C ALA A 62 8.64 10.90 -7.40
N PRO A 63 8.31 12.18 -7.28
CA PRO A 63 8.58 12.89 -6.02
C PRO A 63 7.93 12.21 -4.81
N PRO A 64 8.71 11.93 -3.75
CA PRO A 64 8.17 11.19 -2.61
C PRO A 64 7.06 11.97 -1.91
N ILE A 65 6.11 11.27 -1.30
CA ILE A 65 4.96 11.87 -0.57
C ILE A 65 5.24 11.77 0.94
N HIS A 66 5.32 12.89 1.68
CA HIS A 66 5.63 12.87 3.14
C HIS A 66 4.41 13.32 3.97
N GLY A 67 4.01 12.47 4.91
CA GLY A 67 3.03 12.74 5.96
C GLY A 67 1.64 12.24 5.60
N ARG A 68 0.81 11.94 6.60
CA ARG A 68 -0.53 11.32 6.40
C ARG A 68 -1.44 12.24 5.57
N GLU A 69 -1.33 13.56 5.69
CA GLU A 69 -2.26 14.48 4.98
C GLU A 69 -2.04 14.34 3.47
N ARG A 70 -0.79 14.42 3.03
CA ARG A 70 -0.39 14.35 1.61
C ARG A 70 -0.62 12.92 1.09
N ILE A 71 -0.45 11.92 1.93
CA ILE A 71 -0.62 10.50 1.51
C ILE A 71 -2.10 10.29 1.22
N ALA A 72 -2.98 10.94 1.97
CA ALA A 72 -4.43 10.89 1.69
C ALA A 72 -4.71 11.48 0.29
N TYR A 73 -4.10 12.61 -0.05
CA TYR A 73 -4.25 13.25 -1.40
C TYR A 73 -3.98 12.16 -2.46
N PHE A 74 -2.90 11.38 -2.30
CA PHE A 74 -2.51 10.29 -3.23
C PHE A 74 -3.62 9.25 -3.32
N TYR A 75 -4.17 8.76 -2.19
CA TYR A 75 -5.28 7.77 -2.20
C TYR A 75 -6.56 8.47 -2.67
N ARG A 76 -6.71 9.77 -2.43
CA ARG A 76 -7.91 10.52 -2.92
C ARG A 76 -7.78 10.55 -4.44
N ARG A 77 -6.57 10.85 -4.93
CA ARG A 77 -6.23 10.85 -6.37
C ARG A 77 -6.41 9.43 -6.97
N MET A 78 -6.10 8.35 -6.27
CA MET A 78 -6.08 6.96 -6.81
C MET A 78 -7.46 6.28 -6.67
N LEU A 79 -8.21 6.56 -5.60
CA LEU A 79 -9.51 5.89 -5.34
C LEU A 79 -10.68 6.92 -5.32
N GLY A 80 -10.41 8.24 -5.25
CA GLY A 80 -11.41 9.27 -4.85
C GLY A 80 -12.37 9.68 -5.96
N GLY A 81 -12.19 9.15 -7.17
CA GLY A 81 -13.21 9.18 -8.25
C GLY A 81 -13.87 7.83 -8.41
N GLY A 82 -13.59 6.90 -7.48
CA GLY A 82 -14.11 5.52 -7.51
C GLY A 82 -13.07 4.56 -8.06
N ILE A 83 -13.17 3.29 -7.67
CA ILE A 83 -12.38 2.15 -8.21
C ILE A 83 -13.37 1.01 -8.50
N ALA A 84 -13.08 0.14 -9.48
CA ALA A 84 -13.91 -1.07 -9.78
C ALA A 84 -13.39 -2.27 -8.97
N ARG A 85 -12.08 -2.55 -9.03
CA ARG A 85 -11.43 -3.72 -8.33
C ARG A 85 -9.93 -3.48 -8.15
N ALA A 86 -9.33 -4.15 -7.14
CA ALA A 86 -7.87 -4.35 -6.95
C ALA A 86 -7.60 -5.75 -6.39
N THR A 87 -6.74 -6.54 -7.03
CA THR A 87 -6.63 -8.01 -6.77
C THR A 87 -5.13 -8.42 -6.88
N LEU A 88 -4.67 -9.26 -5.95
CA LEU A 88 -3.30 -9.84 -5.93
C LEU A 88 -3.03 -10.66 -7.21
N THR A 89 -1.81 -10.64 -7.73
CA THR A 89 -1.45 -11.47 -8.92
C THR A 89 -0.34 -12.45 -8.55
N GLY A 90 -0.02 -12.56 -7.25
CA GLY A 90 1.01 -13.47 -6.72
C GLY A 90 1.01 -13.45 -5.19
N PRO A 91 1.91 -14.23 -4.57
CA PRO A 91 1.95 -14.32 -3.11
C PRO A 91 2.36 -12.99 -2.45
N VAL A 92 1.77 -12.66 -1.30
CA VAL A 92 2.32 -11.70 -0.31
C VAL A 92 3.54 -12.36 0.31
N ARG A 93 4.71 -11.74 0.18
CA ARG A 93 5.98 -12.24 0.76
C ARG A 93 6.31 -11.35 1.94
N ALA A 94 6.55 -11.89 3.12
CA ALA A 94 6.92 -11.10 4.32
C ALA A 94 8.32 -11.52 4.75
N SER A 95 9.10 -10.55 5.24
CA SER A 95 10.40 -10.77 5.90
C SER A 95 10.17 -11.07 7.38
N HIS A 96 11.26 -11.35 8.09
CA HIS A 96 11.30 -11.45 9.58
C HIS A 96 11.71 -10.09 10.14
N ASN A 97 11.78 -9.08 9.28
CA ASN A 97 12.35 -7.74 9.52
C ASN A 97 11.22 -6.70 9.51
N GLY A 98 9.95 -7.10 9.60
CA GLY A 98 8.83 -6.16 9.56
C GLY A 98 8.67 -5.45 8.23
N THR A 99 8.91 -6.15 7.12
CA THR A 99 8.75 -5.64 5.74
C THR A 99 8.08 -6.75 4.94
N GLY A 100 7.45 -6.39 3.84
CA GLY A 100 6.84 -7.35 2.91
C GLY A 100 6.63 -6.74 1.53
N ALA A 101 6.21 -7.58 0.59
CA ALA A 101 6.17 -7.25 -0.83
C ALA A 101 5.02 -8.04 -1.43
N MET A 102 4.28 -7.43 -2.36
CA MET A 102 3.18 -8.11 -3.05
C MET A 102 2.92 -7.45 -4.39
N PRO A 103 2.62 -8.25 -5.42
CA PRO A 103 2.20 -7.76 -6.72
C PRO A 103 0.67 -7.82 -6.84
N PHE A 104 0.09 -6.77 -7.42
CA PHE A 104 -1.37 -6.67 -7.63
C PHE A 104 -1.66 -5.90 -8.93
N ARG A 105 -2.93 -5.92 -9.36
CA ARG A 105 -3.47 -5.23 -10.56
C ARG A 105 -4.66 -4.36 -10.14
N VAL A 106 -4.70 -3.06 -10.47
CA VAL A 106 -5.89 -2.19 -10.18
C VAL A 106 -6.71 -1.94 -11.45
N GLU A 107 -8.02 -1.64 -11.29
CA GLU A 107 -9.05 -1.51 -12.38
C GLU A 107 -10.08 -0.40 -12.06
N TYR A 108 -10.28 0.53 -13.02
CA TYR A 108 -11.24 1.67 -12.98
C TYR A 108 -12.08 1.68 -14.26
N PHE A 115 -10.33 1.40 -16.65
CA PHE A 115 -8.89 1.31 -16.99
C PHE A 115 -8.24 0.37 -15.99
N ALA A 116 -6.95 0.03 -16.25
CA ALA A 116 -6.17 -1.01 -15.53
C ALA A 116 -4.70 -0.54 -15.29
N MET A 117 -4.03 -1.00 -14.22
CA MET A 117 -2.56 -0.84 -13.94
C MET A 117 -2.03 -1.95 -13.01
N ASP A 118 -0.84 -2.49 -13.32
CA ASP A 118 -0.12 -3.50 -12.50
C ASP A 118 0.84 -2.82 -11.52
N VAL A 119 0.88 -3.26 -10.26
CA VAL A 119 1.66 -2.60 -9.18
C VAL A 119 2.43 -3.65 -8.36
N ARG A 120 3.73 -3.47 -8.16
CA ARG A 120 4.57 -4.23 -7.19
C ARG A 120 4.91 -3.33 -5.98
N VAL A 121 4.42 -3.66 -4.78
CA VAL A 121 4.47 -2.76 -3.59
C VAL A 121 5.41 -3.38 -2.55
N GLU A 122 6.28 -2.58 -1.97
CA GLU A 122 7.12 -2.96 -0.80
C GLU A 122 6.76 -2.01 0.35
N MET A 123 6.57 -2.59 1.53
CA MET A 123 6.15 -1.86 2.71
C MET A 123 7.08 -2.20 3.86
N ARG A 124 7.42 -1.20 4.65
CA ARG A 124 8.11 -1.39 5.93
C ARG A 124 7.17 -0.91 7.03
N PHE A 125 6.98 -1.74 8.05
CA PHE A 125 6.12 -1.49 9.22
C PHE A 125 6.94 -1.10 10.42
N ASP A 126 6.37 -0.27 11.28
CA ASP A 126 7.02 0.15 12.53
C ASP A 126 6.57 -0.87 13.59
N GLU A 127 6.97 -0.72 14.83
CA GLU A 127 6.62 -1.72 15.90
C GLU A 127 5.11 -1.73 16.24
N HIS A 128 4.35 -0.69 15.82
CA HIS A 128 2.89 -0.53 16.06
C HIS A 128 2.08 -1.16 14.93
N GLY A 129 2.74 -1.76 13.93
CA GLY A 129 2.00 -2.38 12.82
C GLY A 129 1.55 -1.37 11.78
N ARG A 130 2.15 -0.19 11.78
CA ARG A 130 1.75 0.86 10.82
C ARG A 130 2.84 1.02 9.78
N ILE A 131 2.45 1.51 8.62
CA ILE A 131 3.34 1.58 7.44
C ILE A 131 4.23 2.81 7.65
N GLN A 132 5.53 2.62 7.75
CA GLN A 132 6.55 3.69 7.86
C GLN A 132 6.90 4.16 6.45
N THR A 133 7.17 3.22 5.54
CA THR A 133 7.47 3.53 4.13
C THR A 133 6.86 2.55 3.15
N MET A 134 6.45 3.07 1.98
CA MET A 134 5.85 2.24 0.92
C MET A 134 6.49 2.72 -0.39
N GLN A 135 6.90 1.75 -1.21
CA GLN A 135 7.38 1.95 -2.57
C GLN A 135 6.50 1.12 -3.50
N ALA A 136 5.96 1.73 -4.54
CA ALA A 136 5.13 1.00 -5.53
C ALA A 136 5.79 1.18 -6.87
N TYR A 137 6.11 0.06 -7.50
CA TYR A 137 6.56 0.00 -8.91
C TYR A 137 5.32 -0.15 -9.80
N TRP A 138 5.14 0.73 -10.80
CA TRP A 138 3.92 0.70 -11.67
C TRP A 138 4.19 0.14 -13.06
N ASP A 139 3.23 -0.63 -13.61
CA ASP A 139 3.25 -1.03 -15.05
C ASP A 139 1.88 -0.85 -15.74
N TRP A 140 1.91 -0.17 -16.89
CA TRP A 140 0.75 0.08 -17.79
C TRP A 140 0.14 -1.25 -18.30
N VAL A 141 -1.19 -1.39 -18.22
CA VAL A 141 -1.95 -2.53 -18.83
C VAL A 141 -2.36 -2.17 -20.25
#